data_2ZXZ
#
_entry.id   2ZXZ
#
_cell.length_a   64.079
_cell.length_b   64.079
_cell.length_c   110.389
_cell.angle_alpha   90.000
_cell.angle_beta   90.000
_cell.angle_gamma   90.000
#
_symmetry.space_group_name_H-M   'P 43 21 2'
#
loop_
_entity.id
_entity.type
_entity.pdbx_description
1 polymer 'Retinoic acid receptor RXR-alpha'
2 polymer 'GRIP1 from Nuclear receptor coactivator 2'
3 non-polymer '4-[2-(1,1,3,3-tetramethyl-2,3-dihydro-1H-inden-5-yl)-1,3-dioxolan-2-yl]benzoic acid'
4 water water
#
loop_
_entity_poly.entity_id
_entity_poly.type
_entity_poly.pdbx_seq_one_letter_code
_entity_poly.pdbx_strand_id
1 'polypeptide(L)'
;TSSANEDMPVERILEAELAVEPKTETYVEANMGLNPSSPNDPVTNICQAADKQLFTLVEWAKRIPHFSELPLDDQVILLR
AGWNELLIASFSHRSIAVKDGILLATGLHVHRNSAHSAGVGAIFDRVLTELVSKMRDMQMDKTELGCLRAIVLFNPDSKG
LSNPAEVEALREKVYASLEAYCKHKYPEQPGRFAKLLLRLPALRSIGLKCLEHLFFFKLIGDTPIDTFLMEMLEAPHQMT
;
A
2 'polypeptide(L)' KHKILHRLLQDSS B
#
loop_
_chem_comp.id
_chem_comp.type
_chem_comp.name
_chem_comp.formula
P26 non-polymer '4-[2-(1,1,3,3-tetramethyl-2,3-dihydro-1H-inden-5-yl)-1,3-dioxolan-2-yl]benzoic acid' 'C23 H26 O4'
#
# COMPACT_ATOMS: atom_id res chain seq x y z
N ASP A 7 21.10 -8.99 -5.23
CA ASP A 7 20.26 -8.67 -6.44
C ASP A 7 18.95 -7.96 -6.08
N MET A 8 18.27 -8.45 -5.04
CA MET A 8 17.09 -7.80 -4.49
C MET A 8 17.27 -7.71 -2.96
N PRO A 9 18.13 -6.78 -2.50
CA PRO A 9 18.50 -6.74 -1.09
C PRO A 9 17.39 -6.15 -0.22
N VAL A 10 17.16 -6.76 0.95
CA VAL A 10 16.16 -6.28 1.90
C VAL A 10 16.59 -4.98 2.56
N GLU A 11 17.90 -4.75 2.60
CA GLU A 11 18.49 -3.52 3.13
C GLU A 11 18.11 -2.31 2.28
N ARG A 12 17.99 -2.53 0.96
CA ARG A 12 17.65 -1.47 0.02
C ARG A 12 16.14 -1.18 0.03
N ILE A 13 15.34 -2.24 0.17
CA ILE A 13 13.89 -2.13 0.32
C ILE A 13 13.53 -1.38 1.61
N LEU A 14 14.29 -1.64 2.68
CA LEU A 14 14.12 -0.96 3.96
C LEU A 14 14.38 0.55 3.84
N GLU A 15 15.39 0.91 3.04
CA GLU A 15 15.75 2.31 2.83
C GLU A 15 14.67 3.06 2.04
N ALA A 16 13.99 2.35 1.15
CA ALA A 16 12.85 2.90 0.41
C ALA A 16 11.72 3.28 1.36
N GLU A 17 11.46 2.43 2.34
CA GLU A 17 10.44 2.67 3.37
C GLU A 17 10.80 3.84 4.28
N LEU A 18 12.07 3.90 4.69
CA LEU A 18 12.55 4.92 5.61
C LEU A 18 12.66 6.31 4.97
N ALA A 19 12.91 6.32 3.66
CA ALA A 19 12.99 7.56 2.89
C ALA A 19 11.61 8.22 2.73
N VAL A 20 10.57 7.45 3.04
CA VAL A 20 9.18 7.84 2.78
C VAL A 20 8.46 8.33 4.06
N GLU A 21 8.99 7.95 5.23
CA GLU A 21 8.42 8.34 6.52
C GLU A 21 8.31 9.86 6.72
N PRO A 22 7.14 10.35 7.18
CA PRO A 22 6.92 11.77 7.38
C PRO A 22 7.28 12.10 8.66
N ASN A 40 -14.12 18.62 9.47
CA ASN A 40 -15.32 18.16 10.17
C ASN A 40 -15.79 16.76 9.70
N ASP A 41 -15.57 16.47 8.43
CA ASP A 41 -15.86 15.16 7.85
C ASP A 41 -14.58 14.34 7.84
N PRO A 42 -14.54 13.24 8.62
CA PRO A 42 -13.37 12.35 8.71
C PRO A 42 -12.94 11.75 7.36
N VAL A 43 -13.92 11.45 6.50
CA VAL A 43 -13.66 10.88 5.17
C VAL A 43 -12.92 11.87 4.27
N THR A 44 -13.25 13.16 4.41
CA THR A 44 -12.56 14.23 3.70
C THR A 44 -11.08 14.30 4.13
N ASN A 45 -10.84 14.17 5.44
CA ASN A 45 -9.48 14.14 5.98
C ASN A 45 -8.68 12.90 5.55
N ILE A 46 -9.38 11.77 5.40
CA ILE A 46 -8.73 10.52 4.99
C ILE A 46 -8.36 10.55 3.50
N CYS A 47 -9.23 11.16 2.69
CA CYS A 47 -8.99 11.31 1.26
C CYS A 47 -7.91 12.35 0.95
N GLN A 48 -7.83 13.36 1.81
CA GLN A 48 -6.77 14.37 1.77
C GLN A 48 -5.41 13.69 1.98
N ALA A 49 -5.36 12.83 3.00
CA ALA A 49 -4.16 12.05 3.31
C ALA A 49 -3.80 11.05 2.20
N ALA A 50 -4.81 10.55 1.51
CA ALA A 50 -4.63 9.59 0.42
C ALA A 50 -3.90 10.21 -0.77
N ASP A 51 -4.35 11.41 -1.16
CA ASP A 51 -3.77 12.13 -2.28
C ASP A 51 -2.32 12.50 -2.03
N LYS A 52 -2.05 12.96 -0.81
CA LYS A 52 -0.71 13.33 -0.36
C LYS A 52 0.24 12.16 -0.52
N GLN A 53 -0.24 10.98 -0.13
CA GLN A 53 0.57 9.76 -0.13
C GLN A 53 0.78 9.17 -1.51
N LEU A 54 -0.10 9.51 -2.46
CA LEU A 54 0.03 9.04 -3.83
C LEU A 54 1.30 9.57 -4.49
N PHE A 55 1.65 10.82 -4.17
CA PHE A 55 2.91 11.42 -4.64
C PHE A 55 4.09 10.71 -4.01
N THR A 56 3.99 10.44 -2.71
CA THR A 56 5.02 9.75 -1.95
C THR A 56 5.21 8.31 -2.43
N LEU A 57 4.10 7.66 -2.82
CA LEU A 57 4.11 6.29 -3.35
C LEU A 57 4.93 6.17 -4.63
N VAL A 58 4.75 7.13 -5.54
CA VAL A 58 5.50 7.15 -6.80
C VAL A 58 7.01 7.25 -6.53
N GLU A 59 7.38 8.05 -5.53
CA GLU A 59 8.78 8.18 -5.11
C GLU A 59 9.28 6.90 -4.43
N TRP A 60 8.37 6.24 -3.70
CA TRP A 60 8.68 4.97 -3.05
C TRP A 60 9.00 3.89 -4.06
N ALA A 61 8.14 3.77 -5.08
CA ALA A 61 8.26 2.72 -6.10
C ALA A 61 9.61 2.78 -6.81
N LYS A 62 10.08 4.01 -7.08
CA LYS A 62 11.34 4.25 -7.77
C LYS A 62 12.54 3.69 -7.01
N ARG A 63 12.51 3.83 -5.69
CA ARG A 63 13.57 3.34 -4.81
C ARG A 63 13.58 1.82 -4.65
N ILE A 64 12.52 1.15 -5.09
CA ILE A 64 12.48 -0.31 -5.12
C ILE A 64 13.31 -0.80 -6.31
N PRO A 65 14.36 -1.60 -6.03
CA PRO A 65 15.26 -2.12 -7.06
C PRO A 65 14.53 -2.66 -8.28
N HIS A 66 15.01 -2.24 -9.46
CA HIS A 66 14.55 -2.74 -10.77
C HIS A 66 13.18 -2.24 -11.25
N PHE A 67 12.49 -1.47 -10.42
CA PHE A 67 11.17 -0.94 -10.77
C PHE A 67 11.33 0.16 -11.81
N SER A 68 12.32 1.03 -11.60
CA SER A 68 12.60 2.14 -12.52
C SER A 68 13.14 1.64 -13.84
N GLU A 69 13.69 0.43 -13.84
CA GLU A 69 14.25 -0.20 -15.04
C GLU A 69 13.18 -0.85 -15.91
N LEU A 70 11.97 -1.00 -15.37
CA LEU A 70 10.84 -1.50 -16.12
C LEU A 70 10.37 -0.42 -17.10
N PRO A 71 9.81 -0.82 -18.27
CA PRO A 71 9.26 0.17 -19.21
C PRO A 71 8.26 1.13 -18.54
N LEU A 72 8.25 2.38 -18.97
CA LEU A 72 7.43 3.42 -18.34
C LEU A 72 5.94 3.07 -18.27
N ASP A 73 5.44 2.42 -19.31
CA ASP A 73 4.03 1.99 -19.35
C ASP A 73 3.71 0.92 -18.30
N ASP A 74 4.66 0.02 -18.07
CA ASP A 74 4.50 -1.06 -17.10
C ASP A 74 4.53 -0.55 -15.65
N GLN A 75 5.32 0.48 -15.41
CA GLN A 75 5.38 1.15 -14.11
C GLN A 75 4.03 1.79 -13.80
N VAL A 76 3.38 2.31 -14.84
CA VAL A 76 2.04 2.88 -14.72
C VAL A 76 1.06 1.77 -14.33
N ILE A 77 1.03 0.71 -15.13
CA ILE A 77 0.13 -0.43 -14.89
C ILE A 77 0.30 -1.00 -13.48
N LEU A 78 1.54 -1.09 -13.01
CA LEU A 78 1.83 -1.65 -11.68
C LEU A 78 1.30 -0.79 -10.56
N LEU A 79 1.56 0.52 -10.64
CA LEU A 79 1.14 1.45 -9.60
C LEU A 79 -0.37 1.69 -9.60
N ARG A 80 -0.96 1.67 -10.79
CA ARG A 80 -2.41 1.84 -10.91
C ARG A 80 -3.18 0.63 -10.38
N ALA A 81 -2.59 -0.55 -10.50
CA ALA A 81 -3.23 -1.79 -10.05
C ALA A 81 -3.11 -2.02 -8.54
N GLY A 82 -2.06 -1.50 -7.91
CA GLY A 82 -1.81 -1.78 -6.49
C GLY A 82 -1.80 -0.61 -5.52
N TRP A 83 -2.08 0.60 -6.01
CA TRP A 83 -1.99 1.81 -5.18
C TRP A 83 -2.78 1.74 -3.86
N ASN A 84 -3.98 1.19 -3.91
CA ASN A 84 -4.79 0.97 -2.70
C ASN A 84 -4.10 0.08 -1.67
N GLU A 85 -3.78 -1.14 -2.07
CA GLU A 85 -3.08 -2.11 -1.20
C GLU A 85 -1.73 -1.57 -0.70
N LEU A 86 -1.01 -0.86 -1.57
CA LEU A 86 0.27 -0.26 -1.20
C LEU A 86 0.10 0.82 -0.13
N LEU A 87 -0.90 1.67 -0.30
CA LEU A 87 -1.16 2.74 0.66
C LEU A 87 -1.78 2.22 1.95
N ILE A 88 -2.70 1.26 1.83
CA ILE A 88 -3.35 0.66 2.99
C ILE A 88 -2.34 -0.04 3.92
N ALA A 89 -1.45 -0.83 3.33
CA ALA A 89 -0.36 -1.46 4.08
C ALA A 89 0.47 -0.43 4.84
N SER A 90 0.72 0.73 4.22
CA SER A 90 1.53 1.78 4.81
C SER A 90 0.92 2.44 6.05
N PHE A 91 -0.35 2.84 5.97
CA PHE A 91 -0.98 3.50 7.11
C PHE A 91 -1.42 2.54 8.21
N SER A 92 -1.52 1.25 7.87
CA SER A 92 -1.85 0.22 8.85
C SER A 92 -0.67 -0.07 9.77
N HIS A 93 0.51 -0.25 9.17
CA HIS A 93 1.75 -0.47 9.93
C HIS A 93 2.15 0.77 10.73
N ARG A 94 1.78 1.93 10.23
CA ARG A 94 2.04 3.20 10.91
C ARG A 94 1.20 3.30 12.18
N SER A 95 0.07 2.61 12.19
CA SER A 95 -0.92 2.74 13.26
C SER A 95 -0.82 1.69 14.37
N ILE A 96 0.30 0.96 14.39
CA ILE A 96 0.56 -0.08 15.39
C ILE A 96 0.29 0.38 16.84
N ALA A 97 0.94 1.45 17.27
CA ALA A 97 0.84 1.93 18.64
C ALA A 97 -0.42 2.77 18.90
N VAL A 98 -1.39 2.69 17.99
CA VAL A 98 -2.63 3.47 18.11
C VAL A 98 -3.75 2.60 18.65
N LYS A 99 -4.48 3.12 19.64
CA LYS A 99 -5.60 2.41 20.25
C LYS A 99 -6.85 2.59 19.40
N ASP A 100 -7.28 1.50 18.77
CA ASP A 100 -8.54 1.45 18.01
C ASP A 100 -8.67 2.59 17.00
N GLY A 101 -7.62 2.80 16.21
CA GLY A 101 -7.61 3.88 15.22
C GLY A 101 -6.41 3.82 14.29
N ILE A 102 -6.39 4.76 13.34
CA ILE A 102 -5.28 4.88 12.39
C ILE A 102 -4.65 6.26 12.44
N LEU A 103 -3.33 6.29 12.25
CA LEU A 103 -2.59 7.54 12.14
C LEU A 103 -2.45 7.93 10.66
N LEU A 104 -3.06 9.05 10.28
CA LEU A 104 -2.97 9.57 8.92
C LEU A 104 -1.62 10.26 8.68
N ALA A 105 -1.18 10.26 7.42
CA ALA A 105 0.10 10.84 7.03
C ALA A 105 0.15 12.36 7.26
N THR A 106 -1.01 12.99 7.19
CA THR A 106 -1.16 14.41 7.49
C THR A 106 -0.82 14.73 8.97
N GLY A 107 -0.75 13.68 9.79
CA GLY A 107 -0.41 13.82 11.20
C GLY A 107 -1.60 13.59 12.13
N LEU A 108 -2.81 13.72 11.58
CA LEU A 108 -4.05 13.53 12.32
C LEU A 108 -4.33 12.04 12.62
N HIS A 109 -4.80 11.77 13.84
CA HIS A 109 -5.29 10.44 14.22
C HIS A 109 -6.79 10.34 13.91
N VAL A 110 -7.23 9.17 13.47
CA VAL A 110 -8.66 8.91 13.25
C VAL A 110 -9.10 7.65 14.01
N HIS A 111 -10.00 7.84 14.96
CA HIS A 111 -10.48 6.77 15.83
C HIS A 111 -11.65 5.97 15.24
N ARG A 112 -11.77 4.73 15.68
CA ARG A 112 -12.85 3.81 15.32
C ARG A 112 -14.25 4.46 15.30
N ASN A 113 -14.58 5.18 16.37
CA ASN A 113 -15.87 5.86 16.51
C ASN A 113 -16.07 7.00 15.53
N SER A 114 -14.99 7.71 15.21
CA SER A 114 -15.02 8.83 14.27
C SER A 114 -15.41 8.35 12.87
N ALA A 115 -14.85 7.22 12.45
CA ALA A 115 -15.14 6.62 11.15
C ALA A 115 -16.55 6.03 11.09
N HIS A 116 -16.95 5.34 12.16
CA HIS A 116 -18.29 4.76 12.27
C HIS A 116 -19.36 5.83 12.15
N SER A 117 -19.13 6.95 12.82
CA SER A 117 -20.04 8.09 12.80
C SER A 117 -20.07 8.79 11.44
N ALA A 118 -19.01 8.62 10.67
CA ALA A 118 -18.94 9.14 9.30
C ALA A 118 -19.59 8.19 8.28
N GLY A 119 -20.02 7.02 8.76
CA GLY A 119 -20.73 6.05 7.93
C GLY A 119 -19.83 5.11 7.15
N VAL A 120 -18.62 4.89 7.65
CA VAL A 120 -17.65 4.00 7.00
C VAL A 120 -16.98 3.07 8.03
N GLY A 121 -17.71 2.79 9.12
CA GLY A 121 -17.20 1.97 10.21
C GLY A 121 -16.93 0.52 9.88
N ALA A 122 -17.74 -0.05 8.99
CA ALA A 122 -17.62 -1.45 8.58
C ALA A 122 -16.24 -1.78 7.98
N ILE A 123 -15.79 -0.96 7.04
CA ILE A 123 -14.47 -1.12 6.40
C ILE A 123 -13.32 -0.70 7.31
N PHE A 124 -13.55 0.35 8.09
CA PHE A 124 -12.56 0.84 9.03
C PHE A 124 -12.18 -0.25 10.03
N ASP A 125 -13.19 -0.95 10.55
CA ASP A 125 -12.97 -2.06 11.48
C ASP A 125 -12.26 -3.23 10.81
N ARG A 126 -12.48 -3.41 9.51
CA ARG A 126 -11.81 -4.45 8.76
C ARG A 126 -10.31 -4.18 8.68
N VAL A 127 -9.97 -2.92 8.43
CA VAL A 127 -8.59 -2.46 8.44
C VAL A 127 -7.97 -2.73 9.81
N LEU A 128 -8.67 -2.31 10.86
CA LEU A 128 -8.21 -2.46 12.24
C LEU A 128 -7.97 -3.92 12.61
N THR A 129 -8.99 -4.75 12.40
CA THR A 129 -8.95 -6.16 12.82
C THR A 129 -7.99 -7.02 12.01
N GLU A 130 -8.06 -6.89 10.69
CA GLU A 130 -7.33 -7.79 9.77
C GLU A 130 -5.89 -7.38 9.48
N LEU A 131 -5.58 -6.10 9.64
CA LEU A 131 -4.24 -5.60 9.34
C LEU A 131 -3.54 -5.03 10.56
N VAL A 132 -3.88 -3.81 10.94
CA VAL A 132 -3.23 -3.11 12.06
C VAL A 132 -3.01 -4.03 13.25
N SER A 133 -4.10 -4.63 13.72
CA SER A 133 -4.07 -5.53 14.87
C SER A 133 -3.15 -6.73 14.62
N LYS A 134 -3.31 -7.36 13.47
CA LYS A 134 -2.50 -8.54 13.10
C LYS A 134 -1.02 -8.20 12.92
N MET A 135 -0.74 -6.99 12.44
CA MET A 135 0.62 -6.48 12.33
C MET A 135 1.25 -6.33 13.72
N ARG A 136 0.51 -5.72 14.64
CA ARG A 136 1.00 -5.46 16.00
C ARG A 136 1.39 -6.72 16.77
N ASP A 137 0.49 -7.71 16.77
CA ASP A 137 0.67 -8.94 17.55
C ASP A 137 1.94 -9.71 17.18
N MET A 138 2.33 -9.65 15.91
CA MET A 138 3.58 -10.28 15.47
C MET A 138 4.75 -9.29 15.39
N GLN A 139 4.45 -8.02 15.68
CA GLN A 139 5.45 -6.93 15.63
C GLN A 139 6.19 -6.91 14.29
N MET A 140 5.42 -6.81 13.21
CA MET A 140 5.96 -6.73 11.85
C MET A 140 6.93 -5.55 11.76
N ASP A 141 8.14 -5.82 11.27
CA ASP A 141 9.13 -4.76 11.15
C ASP A 141 8.98 -4.03 9.82
N LYS A 142 9.73 -2.94 9.66
CA LYS A 142 9.67 -2.12 8.44
C LYS A 142 10.23 -2.82 7.21
N THR A 143 11.10 -3.80 7.40
CA THR A 143 11.69 -4.55 6.30
C THR A 143 10.66 -5.52 5.72
N GLU A 144 9.86 -6.12 6.60
CA GLU A 144 8.80 -7.06 6.22
C GLU A 144 7.63 -6.34 5.55
N LEU A 145 7.28 -5.18 6.13
CA LEU A 145 6.26 -4.31 5.56
C LEU A 145 6.67 -3.90 4.15
N GLY A 146 7.93 -3.48 4.01
CA GLY A 146 8.50 -3.09 2.72
C GLY A 146 8.45 -4.21 1.70
N CYS A 147 8.79 -5.42 2.12
CA CYS A 147 8.80 -6.59 1.24
C CYS A 147 7.41 -6.99 0.79
N LEU A 148 6.45 -6.97 1.72
CA LEU A 148 5.07 -7.24 1.40
C LEU A 148 4.55 -6.21 0.40
N ARG A 149 4.93 -4.95 0.60
CA ARG A 149 4.58 -3.88 -0.33
C ARG A 149 5.22 -4.09 -1.71
N ALA A 150 6.49 -4.49 -1.72
CA ALA A 150 7.20 -4.79 -2.96
C ALA A 150 6.60 -5.98 -3.72
N ILE A 151 6.14 -6.99 -2.98
CA ILE A 151 5.45 -8.14 -3.57
C ILE A 151 4.16 -7.67 -4.25
N VAL A 152 3.41 -6.81 -3.55
CA VAL A 152 2.17 -6.24 -4.10
C VAL A 152 2.45 -5.40 -5.34
N LEU A 153 3.51 -4.59 -5.27
CA LEU A 153 3.97 -3.78 -6.40
C LEU A 153 4.24 -4.62 -7.66
N PHE A 154 5.01 -5.70 -7.50
CA PHE A 154 5.34 -6.57 -8.63
C PHE A 154 4.29 -7.66 -8.83
N ASN A 155 3.08 -7.21 -9.21
CA ASN A 155 1.96 -8.11 -9.48
C ASN A 155 1.94 -8.48 -10.96
N PRO A 156 2.26 -9.74 -11.29
CA PRO A 156 2.26 -10.15 -12.70
C PRO A 156 0.85 -10.32 -13.26
N ASP A 157 -0.14 -10.37 -12.36
CA ASP A 157 -1.53 -10.52 -12.75
C ASP A 157 -2.14 -9.21 -13.27
N SER A 158 -1.41 -8.11 -13.10
CA SER A 158 -1.81 -6.82 -13.63
C SER A 158 -2.02 -6.91 -15.13
N LYS A 159 -3.22 -6.55 -15.59
CA LYS A 159 -3.59 -6.63 -17.00
C LYS A 159 -2.86 -5.56 -17.80
N GLY A 160 -2.48 -5.90 -19.03
CA GLY A 160 -1.81 -4.95 -19.92
C GLY A 160 -0.29 -5.05 -19.96
N LEU A 161 0.29 -5.61 -18.90
CA LEU A 161 1.74 -5.77 -18.76
C LEU A 161 2.41 -6.26 -20.04
N SER A 162 3.43 -5.53 -20.50
CA SER A 162 4.14 -5.87 -21.73
C SER A 162 4.90 -7.19 -21.59
N ASN A 163 5.72 -7.28 -20.54
CA ASN A 163 6.44 -8.50 -20.20
C ASN A 163 6.12 -8.92 -18.76
N PRO A 164 5.02 -9.67 -18.57
CA PRO A 164 4.57 -10.09 -17.24
C PRO A 164 5.52 -11.06 -16.52
N ALA A 165 6.22 -11.89 -17.29
CA ALA A 165 7.21 -12.84 -16.73
C ALA A 165 8.38 -12.14 -16.06
N GLU A 166 8.70 -10.94 -16.55
CA GLU A 166 9.74 -10.10 -15.97
C GLU A 166 9.31 -9.56 -14.60
N VAL A 167 8.04 -9.21 -14.49
CA VAL A 167 7.47 -8.70 -13.24
C VAL A 167 7.31 -9.85 -12.24
N GLU A 168 6.97 -11.04 -12.77
CA GLU A 168 6.86 -12.26 -11.96
C GLU A 168 8.21 -12.65 -11.35
N ALA A 169 9.26 -12.50 -12.14
CA ALA A 169 10.63 -12.80 -11.72
C ALA A 169 11.12 -11.85 -10.62
N LEU A 170 10.72 -10.59 -10.71
CA LEU A 170 11.06 -9.59 -9.69
C LEU A 170 10.33 -9.82 -8.38
N ARG A 171 9.09 -10.33 -8.47
CA ARG A 171 8.33 -10.75 -7.29
C ARG A 171 9.03 -11.92 -6.60
N GLU A 172 9.39 -12.93 -7.39
CA GLU A 172 10.11 -14.12 -6.90
C GLU A 172 11.37 -13.75 -6.11
N LYS A 173 12.04 -12.70 -6.53
CA LYS A 173 13.26 -12.23 -5.88
C LYS A 173 13.00 -11.49 -4.57
N VAL A 174 11.83 -10.86 -4.46
CA VAL A 174 11.47 -10.15 -3.24
C VAL A 174 11.12 -11.14 -2.12
N TYR A 175 10.30 -12.14 -2.42
CA TYR A 175 9.87 -13.06 -1.37
C TYR A 175 10.93 -14.08 -0.95
N ALA A 176 11.81 -14.44 -1.88
CA ALA A 176 12.97 -15.29 -1.54
C ALA A 176 13.92 -14.54 -0.58
N SER A 177 14.04 -13.24 -0.78
CA SER A 177 14.83 -12.38 0.10
C SER A 177 14.14 -12.20 1.45
N LEU A 178 12.80 -12.10 1.41
CA LEU A 178 12.00 -11.94 2.63
C LEU A 178 12.03 -13.20 3.48
N GLU A 179 11.90 -14.36 2.84
CA GLU A 179 12.01 -15.63 3.56
C GLU A 179 13.37 -15.73 4.24
N ALA A 180 14.44 -15.55 3.44
CA ALA A 180 15.81 -15.60 3.94
C ALA A 180 16.09 -14.56 5.01
N TYR A 181 15.44 -13.39 4.92
CA TYR A 181 15.50 -12.39 5.99
C TYR A 181 14.83 -12.89 7.26
N CYS A 182 13.70 -13.57 7.09
CA CYS A 182 12.91 -14.03 8.23
C CYS A 182 13.59 -15.20 8.96
N LYS A 183 14.05 -16.19 8.19
CA LYS A 183 14.80 -17.34 8.74
C LYS A 183 16.03 -16.91 9.53
N HIS A 184 16.56 -15.73 9.22
CA HIS A 184 17.79 -15.21 9.84
C HIS A 184 17.51 -14.31 11.05
N LYS A 185 16.56 -13.39 10.89
CA LYS A 185 16.23 -12.41 11.93
C LYS A 185 15.28 -12.97 12.99
N TYR A 186 14.37 -13.85 12.58
CA TYR A 186 13.46 -14.53 13.49
C TYR A 186 13.48 -16.05 13.25
N PRO A 187 14.59 -16.72 13.66
CA PRO A 187 14.71 -18.16 13.39
C PRO A 187 13.93 -19.04 14.37
N GLU A 188 13.36 -18.43 15.42
CA GLU A 188 12.53 -19.13 16.40
C GLU A 188 11.06 -19.24 15.96
N GLN A 189 10.69 -18.41 14.98
CA GLN A 189 9.34 -18.35 14.44
C GLN A 189 9.35 -18.95 13.04
N PRO A 190 9.24 -20.29 12.93
CA PRO A 190 9.43 -20.97 11.64
C PRO A 190 8.35 -20.66 10.61
N GLY A 191 7.17 -20.24 11.07
CA GLY A 191 6.06 -19.94 10.18
C GLY A 191 5.73 -18.46 10.08
N ARG A 192 6.69 -17.59 10.36
CA ARG A 192 6.48 -16.14 10.28
C ARG A 192 6.38 -15.67 8.84
N PHE A 193 7.08 -16.39 7.94
CA PHE A 193 7.09 -16.04 6.52
C PHE A 193 5.70 -16.20 5.90
N ALA A 194 5.06 -17.34 6.16
CA ALA A 194 3.71 -17.62 5.67
C ALA A 194 2.68 -16.70 6.33
N LYS A 195 2.88 -16.43 7.62
CA LYS A 195 2.03 -15.53 8.39
C LYS A 195 1.96 -14.14 7.74
N LEU A 196 3.11 -13.66 7.27
CA LEU A 196 3.19 -12.39 6.55
C LEU A 196 2.44 -12.42 5.23
N LEU A 197 2.67 -13.49 4.45
CA LEU A 197 2.07 -13.63 3.13
C LEU A 197 0.56 -13.80 3.18
N LEU A 198 0.06 -14.30 4.32
CA LEU A 198 -1.37 -14.55 4.47
C LEU A 198 -2.17 -13.33 4.92
N ARG A 199 -1.48 -12.20 5.12
CA ARG A 199 -2.17 -10.94 5.31
C ARG A 199 -2.49 -10.28 3.97
N LEU A 200 -1.89 -10.81 2.90
CA LEU A 200 -2.07 -10.27 1.55
C LEU A 200 -3.47 -10.44 0.96
N PRO A 201 -4.11 -11.62 1.14
CA PRO A 201 -5.50 -11.74 0.69
C PRO A 201 -6.43 -10.76 1.43
N ALA A 202 -6.20 -10.58 2.73
CA ALA A 202 -6.95 -9.61 3.51
C ALA A 202 -6.74 -8.21 2.92
N LEU A 203 -5.48 -7.86 2.65
CA LEU A 203 -5.12 -6.57 2.06
C LEU A 203 -5.80 -6.38 0.70
N ARG A 204 -5.82 -7.44 -0.09
CA ARG A 204 -6.50 -7.43 -1.39
C ARG A 204 -7.99 -7.15 -1.22
N SER A 205 -8.63 -7.93 -0.35
CA SER A 205 -10.06 -7.81 -0.06
C SER A 205 -10.43 -6.43 0.47
N ILE A 206 -9.60 -5.90 1.37
CA ILE A 206 -9.82 -4.58 1.95
C ILE A 206 -9.56 -3.47 0.93
N GLY A 207 -8.61 -3.74 0.02
CA GLY A 207 -8.25 -2.79 -1.04
C GLY A 207 -9.38 -2.57 -2.05
N LEU A 208 -10.03 -3.66 -2.44
CA LEU A 208 -11.16 -3.61 -3.36
C LEU A 208 -12.34 -2.86 -2.76
N LYS A 209 -12.61 -3.11 -1.48
CA LYS A 209 -13.70 -2.45 -0.77
C LYS A 209 -13.46 -0.93 -0.60
N CYS A 210 -12.19 -0.53 -0.53
CA CYS A 210 -11.83 0.89 -0.53
C CYS A 210 -12.15 1.57 -1.84
N LEU A 211 -11.76 0.94 -2.96
CA LEU A 211 -12.07 1.45 -4.28
C LEU A 211 -13.56 1.74 -4.44
N GLU A 212 -14.40 0.76 -4.06
CA GLU A 212 -15.85 0.93 -4.09
C GLU A 212 -16.28 2.20 -3.37
N HIS A 213 -15.82 2.37 -2.14
CA HIS A 213 -16.12 3.57 -1.35
C HIS A 213 -15.67 4.83 -2.07
N LEU A 214 -14.44 4.82 -2.56
CA LEU A 214 -13.87 5.97 -3.25
C LEU A 214 -14.62 6.33 -4.53
N PHE A 215 -15.08 5.30 -5.25
CA PHE A 215 -15.93 5.49 -6.43
C PHE A 215 -17.27 6.13 -6.06
N PHE A 216 -17.77 5.76 -4.87
CA PHE A 216 -19.03 6.28 -4.38
C PHE A 216 -18.91 7.72 -3.89
N PHE A 217 -17.80 8.04 -3.23
CA PHE A 217 -17.55 9.42 -2.81
C PHE A 217 -17.48 10.30 -4.05
N LYS A 218 -16.93 9.74 -5.13
CA LYS A 218 -16.85 10.44 -6.41
C LYS A 218 -18.23 10.63 -7.01
N LEU A 219 -18.99 9.54 -7.16
CA LEU A 219 -20.33 9.59 -7.76
C LEU A 219 -21.23 10.64 -7.10
N ILE A 220 -21.32 10.59 -5.78
CA ILE A 220 -22.15 11.52 -5.00
C ILE A 220 -21.64 12.95 -5.08
N GLY A 221 -20.33 13.13 -4.87
CA GLY A 221 -19.68 14.43 -4.99
C GLY A 221 -19.75 15.30 -3.74
N ASP A 222 -20.06 14.66 -2.61
CA ASP A 222 -20.18 15.36 -1.33
C ASP A 222 -18.85 15.37 -0.56
N THR A 223 -17.81 14.85 -1.19
CA THR A 223 -16.48 14.77 -0.60
C THR A 223 -15.48 15.36 -1.58
N PRO A 224 -14.72 16.39 -1.14
CA PRO A 224 -13.62 16.92 -1.96
C PRO A 224 -12.61 15.82 -2.29
N ILE A 225 -12.26 15.70 -3.57
CA ILE A 225 -11.28 14.73 -4.02
C ILE A 225 -10.20 15.40 -4.87
N ASP A 226 -8.98 15.44 -4.34
CA ASP A 226 -7.84 16.08 -5.00
C ASP A 226 -7.47 15.43 -6.34
N THR A 227 -6.62 16.10 -7.11
CA THR A 227 -6.38 15.75 -8.52
C THR A 227 -5.75 14.38 -8.76
N PHE A 228 -4.77 13.99 -7.93
CA PHE A 228 -4.10 12.71 -8.11
C PHE A 228 -5.03 11.55 -7.74
N LEU A 229 -5.75 11.68 -6.63
CA LEU A 229 -6.72 10.68 -6.21
C LEU A 229 -7.82 10.49 -7.26
N MET A 230 -8.22 11.60 -7.89
CA MET A 230 -9.23 11.59 -8.95
C MET A 230 -8.74 10.85 -10.20
N GLU A 231 -7.44 10.95 -10.48
CA GLU A 231 -6.85 10.30 -11.65
C GLU A 231 -6.75 8.78 -11.49
N MET A 232 -6.57 8.32 -10.25
CA MET A 232 -6.54 6.90 -9.96
C MET A 232 -7.95 6.30 -10.02
N LEU A 233 -8.95 7.17 -9.95
CA LEU A 233 -10.36 6.77 -10.03
C LEU A 233 -10.93 6.88 -11.45
N GLU A 234 -10.14 7.43 -12.37
CA GLU A 234 -10.49 7.43 -13.78
C GLU A 234 -10.30 6.02 -14.37
N ALA A 235 -11.02 5.73 -15.45
CA ALA A 235 -10.92 4.42 -16.13
C ALA A 235 -9.65 4.36 -16.98
N PRO A 236 -9.09 3.15 -17.21
CA PRO A 236 -9.55 1.82 -16.75
C PRO A 236 -9.14 1.51 -15.30
N LYS B 1 -2.99 9.55 -21.14
CA LYS B 1 -4.22 9.26 -20.36
C LYS B 1 -4.05 9.67 -18.90
N HIS B 2 -3.14 8.99 -18.20
CA HIS B 2 -2.91 9.22 -16.78
C HIS B 2 -1.84 10.30 -16.60
N LYS B 3 -2.28 11.55 -16.67
CA LYS B 3 -1.42 12.72 -16.76
C LYS B 3 -0.41 12.87 -15.61
N ILE B 4 -0.92 13.13 -14.40
CA ILE B 4 -0.10 13.37 -13.21
C ILE B 4 0.90 12.23 -12.93
N LEU B 5 0.44 10.98 -13.06
CA LEU B 5 1.27 9.82 -12.79
C LEU B 5 2.47 9.71 -13.72
N HIS B 6 2.24 9.95 -15.01
CA HIS B 6 3.30 9.91 -16.02
C HIS B 6 4.36 10.97 -15.74
N ARG B 7 3.90 12.17 -15.38
CA ARG B 7 4.76 13.31 -15.08
C ARG B 7 5.63 13.08 -13.86
N LEU B 8 5.15 12.26 -12.93
CA LEU B 8 5.88 11.96 -11.70
C LEU B 8 6.85 10.80 -11.87
N LEU B 9 6.52 9.88 -12.78
CA LEU B 9 7.38 8.74 -13.07
C LEU B 9 8.53 9.16 -13.98
N GLN B 10 8.51 10.42 -14.40
CA GLN B 10 9.54 10.99 -15.26
C GLN B 10 10.83 11.19 -14.47
N ASP B 11 11.93 10.65 -14.99
CA ASP B 11 13.26 10.75 -14.37
C ASP B 11 13.35 9.95 -13.06
O2 P26 C . -2.79 8.56 5.60
C22 P26 C . -2.55 7.65 4.76
O1 P26 C . -1.40 7.18 4.60
C19 P26 C . -3.67 7.08 3.96
C18 P26 C . -3.41 6.57 2.68
C17 P26 C . -4.44 6.01 1.93
C20 P26 C . -4.97 7.04 4.47
C21 P26 C . -6.01 6.48 3.72
C16 P26 C . -5.74 5.97 2.44
C13 P26 C . -6.82 5.34 1.59
O4 P26 C . -6.43 3.98 1.42
C15 P26 C . -6.84 3.62 0.10
C14 P26 C . -6.61 4.90 -0.67
O3 P26 C . -6.80 5.94 0.29
C10 P26 C . -8.22 5.34 2.16
C9 P26 C . -8.54 4.54 3.27
C8 P26 C . -9.86 4.56 3.74
C01 P26 C . -10.41 3.80 4.92
C2 P26 C . -9.71 4.24 6.20
C1 P26 C . -10.29 2.30 4.71
C11 P26 C . -9.21 6.11 1.54
C12 P26 C . -10.52 6.11 2.01
C7 P26 C . -10.83 5.32 3.13
C02 P26 C . -12.16 5.19 3.79
C6 P26 C . -12.62 6.55 4.30
C5 P26 C . -13.16 4.59 2.81
C3 P26 C . -11.89 4.22 4.94
#